data_3ZV6
#
_entry.id   3ZV6
#
_cell.length_a   76.217
_cell.length_b   76.217
_cell.length_c   180.573
_cell.angle_alpha   90.00
_cell.angle_beta   90.00
_cell.angle_gamma   90.00
#
_symmetry.space_group_name_H-M   'P 43 21 2'
#
loop_
_entity.id
_entity.type
_entity.pdbx_description
1 polymer 'CIS-2,3-DIHYDROBIPHENYL-2,3-DIOL DEHYDROGENASE'
2 non-polymer NICOTINAMIDE-ADENINE-DINUCLEOTIDE
3 non-polymer "4,4'-DIHYDROXYBIPHENYL"
4 water water
#
_entity_poly.entity_id   1
_entity_poly.type   'polypeptide(L)'
_entity_poly.pdbx_seq_one_letter_code
;MKLTGEVALITGGASGLGRALVDRFVAEGARVAVLDKSAERLRELEVAHGGNAVGVVGDVRSLQDQKRAAERCLAAFGKI
DTLIPNAGIWDYSTALADLPEDKIDAAFDDIFHVNVKGYIHAVKACLPALVSSRGSVVFTISNAGFYPNGGGPLYTATKH
AVVGLVRQMAFELAPHVRVNGVAPGGMNTDLRGPSSLGLSEQSISSVPLADMLKSVLPIGRMPALEEYTGAYVFFATRGD
SLPATGALLNYDGGMGVRGFLTAAGGADLPEKLNINREGQE
;
_entity_poly.pdbx_strand_id   A,B
#
# COMPACT_ATOMS: atom_id res chain seq x y z
N MET A 1 3.33 6.19 19.45
CA MET A 1 2.17 6.70 18.65
C MET A 1 2.61 7.37 17.34
N LYS A 2 2.09 6.90 16.22
CA LYS A 2 2.59 7.29 14.90
C LYS A 2 2.04 8.62 14.36
N LEU A 3 0.89 9.06 14.89
CA LEU A 3 0.12 10.14 14.30
C LEU A 3 -0.05 11.31 15.25
N THR A 4 0.87 11.49 16.19
CA THR A 4 0.78 12.57 17.15
C THR A 4 0.74 13.90 16.43
N GLY A 5 -0.29 14.71 16.72
CA GLY A 5 -0.39 16.06 16.17
C GLY A 5 -1.16 16.12 14.84
N GLU A 6 -1.36 14.97 14.22
CA GLU A 6 -2.08 14.93 12.96
C GLU A 6 -3.58 15.07 13.18
N VAL A 7 -4.29 15.62 12.20
CA VAL A 7 -5.76 15.77 12.23
C VAL A 7 -6.33 15.12 10.99
N ALA A 8 -7.29 14.21 11.18
CA ALA A 8 -8.00 13.56 10.08
C ALA A 8 -9.48 13.92 10.12
N LEU A 9 -10.08 14.00 8.92
CA LEU A 9 -11.52 14.01 8.73
C LEU A 9 -11.89 12.73 7.98
N ILE A 10 -12.77 11.98 8.62
CA ILE A 10 -13.24 10.68 8.16
C ILE A 10 -14.75 10.79 7.94
N THR A 11 -15.19 10.53 6.72
CA THR A 11 -16.62 10.46 6.44
C THR A 11 -17.03 9.01 6.66
N GLY A 12 -18.24 8.82 7.21
CA GLY A 12 -18.73 7.52 7.56
C GLY A 12 -18.08 6.94 8.79
N GLY A 13 -17.54 7.81 9.64
CA GLY A 13 -16.80 7.34 10.82
C GLY A 13 -17.59 7.00 12.08
N ALA A 14 -18.92 6.96 11.98
CA ALA A 14 -19.78 6.65 13.13
C ALA A 14 -19.92 5.14 13.36
N SER A 15 -19.53 4.34 12.38
CA SER A 15 -19.56 2.89 12.56
C SER A 15 -18.71 2.24 11.52
N GLY A 16 -18.66 0.92 11.59
CA GLY A 16 -17.98 0.13 10.61
C GLY A 16 -16.49 0.40 10.65
N LEU A 17 -15.87 0.23 9.49
CA LEU A 17 -14.48 0.58 9.30
C LEU A 17 -14.13 2.04 9.70
N GLY A 18 -15.01 2.98 9.42
CA GLY A 18 -14.81 4.38 9.75
C GLY A 18 -14.61 4.60 11.23
N ARG A 19 -15.38 3.90 12.04
CA ARG A 19 -15.30 3.98 13.49
C ARG A 19 -14.01 3.35 14.02
N ALA A 20 -13.66 2.20 13.48
CA ALA A 20 -12.41 1.51 13.81
C ALA A 20 -11.24 2.44 13.53
N LEU A 21 -11.30 3.14 12.40
CA LEU A 21 -10.32 4.14 12.03
C LEU A 21 -10.30 5.33 12.97
N VAL A 22 -11.48 5.84 13.32
CA VAL A 22 -11.54 6.86 14.40
C VAL A 22 -10.83 6.37 15.65
N ASP A 23 -11.18 5.17 16.13
CA ASP A 23 -10.57 4.65 17.35
C ASP A 23 -9.06 4.51 17.16
N ARG A 24 -8.64 3.99 16.01
CA ARG A 24 -7.23 3.72 15.77
C ARG A 24 -6.45 5.00 15.69
N PHE A 25 -6.99 5.96 14.95
CA PHE A 25 -6.31 7.22 14.72
C PHE A 25 -6.09 7.99 16.03
N VAL A 26 -7.12 8.04 16.87
CA VAL A 26 -7.00 8.66 18.19
C VAL A 26 -5.96 7.96 19.06
N ALA A 27 -5.96 6.62 19.06
CA ALA A 27 -5.02 5.85 19.86
C ALA A 27 -3.59 6.11 19.41
N GLU A 28 -3.43 6.46 18.13
CA GLU A 28 -2.14 6.88 17.54
C GLU A 28 -1.83 8.38 17.75
N GLY A 29 -2.63 9.07 18.57
CA GLY A 29 -2.41 10.49 18.84
C GLY A 29 -2.94 11.49 17.83
N ALA A 30 -3.76 11.05 16.88
CA ALA A 30 -4.46 11.99 16.00
C ALA A 30 -5.72 12.61 16.67
N ARG A 31 -6.14 13.75 16.13
CA ARG A 31 -7.45 14.31 16.38
C ARG A 31 -8.33 14.03 15.15
N VAL A 32 -9.61 13.73 15.35
CA VAL A 32 -10.46 13.32 14.22
C VAL A 32 -11.85 14.02 14.17
N ALA A 33 -12.16 14.65 13.04
CA ALA A 33 -13.49 15.12 12.72
C ALA A 33 -14.16 14.00 11.92
N VAL A 34 -15.39 13.72 12.29
CA VAL A 34 -16.21 12.71 11.63
C VAL A 34 -17.45 13.39 11.05
N LEU A 35 -17.71 13.13 9.77
CA LEU A 35 -18.96 13.49 9.10
C LEU A 35 -19.79 12.23 8.93
N ASP A 36 -21.01 12.30 9.43
CA ASP A 36 -21.87 11.13 9.38
C ASP A 36 -23.30 11.52 9.58
N LYS A 37 -24.19 10.70 9.03
CA LYS A 37 -25.61 10.93 9.20
C LYS A 37 -26.19 10.45 10.55
N SER A 38 -25.50 9.52 11.25
CA SER A 38 -26.06 9.09 12.55
C SER A 38 -25.61 9.99 13.71
N ALA A 39 -26.50 10.90 14.13
CA ALA A 39 -26.23 11.82 15.22
C ALA A 39 -25.90 11.09 16.53
N GLU A 40 -26.66 10.03 16.78
CA GLU A 40 -26.52 9.19 17.96
C GLU A 40 -25.11 8.62 18.01
N ARG A 41 -24.73 7.91 16.94
CA ARG A 41 -23.43 7.25 16.90
C ARG A 41 -22.27 8.25 16.97
N LEU A 42 -22.47 9.44 16.40
CA LEU A 42 -21.46 10.49 16.43
C LEU A 42 -21.22 11.02 17.85
N ARG A 43 -22.28 11.19 18.61
CA ARG A 43 -22.09 11.60 19.99
C ARG A 43 -21.41 10.53 20.86
N GLU A 44 -21.71 9.25 20.60
CA GLU A 44 -21.12 8.14 21.38
C GLU A 44 -19.61 8.15 21.17
N LEU A 45 -19.22 8.49 19.95
CA LEU A 45 -17.83 8.52 19.51
C LEU A 45 -17.08 9.76 20.04
N GLU A 46 -17.81 10.86 20.17
CA GLU A 46 -17.28 12.05 20.82
C GLU A 46 -16.98 11.79 22.29
N VAL A 47 -17.89 11.14 23.00
CA VAL A 47 -17.66 10.87 24.41
C VAL A 47 -16.65 9.74 24.61
N ALA A 48 -16.57 8.83 23.64
CA ALA A 48 -15.56 7.79 23.64
C ALA A 48 -14.15 8.41 23.62
N HIS A 49 -14.01 9.50 22.88
CA HIS A 49 -12.72 10.14 22.65
C HIS A 49 -12.73 11.65 23.00
N GLY A 50 -13.10 11.97 24.24
CA GLY A 50 -13.16 13.35 24.73
C GLY A 50 -12.04 14.31 24.35
N GLY A 51 -12.29 15.16 23.36
CA GLY A 51 -11.36 16.22 22.97
C GLY A 51 -10.54 15.86 21.75
N ASN A 52 -10.51 14.57 21.42
CA ASN A 52 -9.73 14.09 20.29
C ASN A 52 -10.60 13.75 19.09
N ALA A 53 -11.92 13.85 19.24
CA ALA A 53 -12.85 13.56 18.16
C ALA A 53 -14.02 14.51 18.21
N VAL A 54 -14.46 14.97 17.04
CA VAL A 54 -15.63 15.84 16.96
C VAL A 54 -16.51 15.33 15.82
N GLY A 55 -17.79 15.16 16.12
CA GLY A 55 -18.73 14.63 15.14
C GLY A 55 -19.52 15.75 14.50
N VAL A 56 -19.74 15.65 13.20
CA VAL A 56 -20.67 16.55 12.56
C VAL A 56 -21.76 15.84 11.77
N VAL A 57 -23.00 16.14 12.11
CA VAL A 57 -24.16 15.49 11.51
C VAL A 57 -24.38 16.10 10.16
N GLY A 58 -24.49 15.25 9.14
CA GLY A 58 -24.57 15.71 7.79
C GLY A 58 -24.64 14.52 6.87
N ASP A 59 -24.74 14.83 5.58
CA ASP A 59 -24.96 13.84 4.56
C ASP A 59 -23.82 14.07 3.60
N VAL A 60 -23.07 13.02 3.32
CA VAL A 60 -21.93 13.10 2.42
C VAL A 60 -22.34 13.53 0.99
N ARG A 61 -23.62 13.37 0.66
CA ARG A 61 -24.16 13.81 -0.64
C ARG A 61 -24.29 15.32 -0.77
N SER A 62 -24.26 16.04 0.35
CA SER A 62 -24.40 17.49 0.39
C SER A 62 -23.03 18.15 0.49
N LEU A 63 -22.66 18.92 -0.54
CA LEU A 63 -21.45 19.69 -0.51
C LEU A 63 -21.43 20.66 0.66
N GLN A 64 -22.57 21.26 0.96
CA GLN A 64 -22.65 22.21 2.06
C GLN A 64 -22.38 21.54 3.41
N ASP A 65 -22.91 20.34 3.60
CA ASP A 65 -22.67 19.56 4.81
C ASP A 65 -21.17 19.23 4.92
N GLN A 66 -20.58 18.80 3.81
CA GLN A 66 -19.17 18.47 3.73
C GLN A 66 -18.32 19.65 4.14
N LYS A 67 -18.67 20.83 3.62
CA LYS A 67 -18.01 22.09 3.95
C LYS A 67 -18.11 22.42 5.42
N ARG A 68 -19.25 22.09 6.02
CA ARG A 68 -19.46 22.31 7.46
C ARG A 68 -18.55 21.45 8.26
N ALA A 69 -18.47 20.19 7.88
CA ALA A 69 -17.52 19.23 8.47
C ALA A 69 -16.10 19.82 8.46
N ALA A 70 -15.66 20.28 7.31
CA ALA A 70 -14.31 20.86 7.16
C ALA A 70 -14.12 22.09 8.03
N GLU A 71 -15.11 22.97 8.03
CA GLU A 71 -15.16 24.17 8.90
C GLU A 71 -15.02 23.78 10.38
N ARG A 72 -15.80 22.79 10.79
CA ARG A 72 -15.81 22.30 12.16
C ARG A 72 -14.47 21.69 12.58
N CYS A 73 -13.83 20.98 11.66
CA CYS A 73 -12.55 20.37 11.92
C CYS A 73 -11.50 21.45 12.11
N LEU A 74 -11.51 22.41 11.20
CA LEU A 74 -10.69 23.59 11.31
C LEU A 74 -10.92 24.31 12.65
N ALA A 75 -12.18 24.53 13.00
CA ALA A 75 -12.50 25.28 14.22
C ALA A 75 -11.98 24.57 15.48
N ALA A 76 -12.10 23.24 15.51
CA ALA A 76 -11.74 22.48 16.71
C ALA A 76 -10.23 22.18 16.79
N PHE A 77 -9.62 21.93 15.65
CA PHE A 77 -8.26 21.37 15.60
C PHE A 77 -7.25 22.19 14.76
N GLY A 78 -7.73 23.24 14.07
CA GLY A 78 -6.84 24.19 13.36
C GLY A 78 -6.31 23.81 11.97
N LYS A 79 -6.45 22.55 11.59
CA LYS A 79 -5.96 22.09 10.27
C LYS A 79 -6.66 20.79 9.86
N ILE A 80 -6.42 20.35 8.64
CA ILE A 80 -6.75 19.00 8.20
C ILE A 80 -5.56 18.40 7.47
N ASP A 81 -5.00 17.35 8.04
CA ASP A 81 -3.84 16.70 7.43
C ASP A 81 -4.21 15.58 6.45
N THR A 82 -5.16 14.74 6.87
CA THR A 82 -5.60 13.58 6.12
C THR A 82 -7.13 13.54 6.02
N LEU A 83 -7.63 13.51 4.79
CA LEU A 83 -9.05 13.25 4.54
C LEU A 83 -9.19 11.79 4.18
N ILE A 84 -10.14 11.12 4.84
CA ILE A 84 -10.47 9.76 4.51
C ILE A 84 -11.94 9.70 4.08
N PRO A 85 -12.22 9.86 2.77
CA PRO A 85 -13.58 9.68 2.32
C PRO A 85 -13.91 8.19 2.28
N ASN A 86 -14.88 7.81 3.07
CA ASN A 86 -15.09 6.42 3.45
C ASN A 86 -16.57 5.99 3.48
N ALA A 87 -17.49 6.94 3.63
CA ALA A 87 -18.90 6.58 3.71
C ALA A 87 -19.31 5.84 2.42
N GLY A 88 -20.09 4.78 2.58
CA GLY A 88 -20.57 3.99 1.44
C GLY A 88 -21.77 3.13 1.80
N ILE A 89 -22.48 2.69 0.75
CA ILE A 89 -23.56 1.71 0.86
C ILE A 89 -23.31 0.63 -0.19
N TRP A 90 -23.83 -0.56 0.11
CA TRP A 90 -23.75 -1.73 -0.75
C TRP A 90 -25.00 -1.91 -1.60
N ASP A 91 -24.89 -2.77 -2.63
CA ASP A 91 -26.07 -3.19 -3.38
C ASP A 91 -26.43 -4.64 -3.11
N TYR A 92 -25.75 -5.24 -2.13
CA TYR A 92 -25.97 -6.64 -1.75
C TYR A 92 -25.81 -7.63 -2.90
N SER A 93 -24.88 -7.29 -3.79
CA SER A 93 -24.57 -8.10 -4.96
C SER A 93 -25.79 -8.43 -5.82
N THR A 94 -26.75 -7.50 -5.85
CA THR A 94 -27.93 -7.65 -6.70
C THR A 94 -27.50 -7.56 -8.17
N ALA A 95 -27.72 -8.67 -8.87
CA ALA A 95 -27.33 -8.84 -10.25
C ALA A 95 -28.17 -7.93 -11.13
N LEU A 96 -27.63 -7.54 -12.29
CA LEU A 96 -28.41 -6.71 -13.22
C LEU A 96 -29.77 -7.35 -13.53
N ALA A 97 -29.77 -8.66 -13.79
CA ALA A 97 -31.02 -9.37 -14.07
C ALA A 97 -32.04 -9.21 -12.93
N ASP A 98 -31.55 -9.02 -11.70
CA ASP A 98 -32.42 -8.96 -10.53
C ASP A 98 -32.78 -7.54 -10.05
N LEU A 99 -32.28 -6.51 -10.74
CA LEU A 99 -32.65 -5.13 -10.45
C LEU A 99 -33.99 -4.83 -11.15
N PRO A 100 -35.04 -4.49 -10.39
CA PRO A 100 -36.33 -4.27 -11.03
C PRO A 100 -36.28 -3.00 -11.85
N GLU A 101 -36.92 -3.03 -13.01
CA GLU A 101 -36.95 -1.91 -13.94
C GLU A 101 -37.38 -0.61 -13.29
N ASP A 102 -38.39 -0.70 -12.41
CA ASP A 102 -38.96 0.48 -11.77
C ASP A 102 -38.21 0.98 -10.54
N LYS A 103 -37.07 0.40 -10.23
CA LYS A 103 -36.26 0.82 -9.07
C LYS A 103 -34.80 1.20 -9.40
N ILE A 104 -34.37 0.84 -10.59
CA ILE A 104 -32.99 0.86 -11.00
C ILE A 104 -32.42 2.30 -11.10
N ASP A 105 -33.24 3.21 -11.60
CA ASP A 105 -32.87 4.63 -11.67
C ASP A 105 -32.63 5.20 -10.28
N ALA A 106 -33.52 4.86 -9.35
CA ALA A 106 -33.40 5.35 -7.97
C ALA A 106 -32.21 4.70 -7.27
N ALA A 107 -32.08 3.39 -7.40
CA ALA A 107 -30.93 2.66 -6.86
C ALA A 107 -29.58 3.21 -7.39
N PHE A 108 -29.52 3.49 -8.69
CA PHE A 108 -28.32 4.06 -9.29
C PHE A 108 -27.96 5.38 -8.60
N ASP A 109 -28.94 6.26 -8.46
CA ASP A 109 -28.70 7.59 -7.89
C ASP A 109 -28.28 7.50 -6.45
N ASP A 110 -28.97 6.67 -5.67
CA ASP A 110 -28.60 6.47 -4.26
C ASP A 110 -27.13 6.02 -4.15
N ILE A 111 -26.81 4.86 -4.72
CA ILE A 111 -25.48 4.27 -4.54
C ILE A 111 -24.38 5.16 -5.10
N PHE A 112 -24.62 5.79 -6.27
CA PHE A 112 -23.59 6.68 -6.85
C PHE A 112 -23.44 8.01 -6.13
N HIS A 113 -24.55 8.59 -5.68
CA HIS A 113 -24.47 9.82 -4.87
C HIS A 113 -23.64 9.59 -3.62
N VAL A 114 -23.90 8.51 -2.91
CA VAL A 114 -23.17 8.23 -1.68
C VAL A 114 -21.71 7.86 -2.02
N ASN A 115 -21.54 6.85 -2.89
CA ASN A 115 -20.24 6.20 -3.06
C ASN A 115 -19.21 6.98 -3.87
N VAL A 116 -19.68 7.81 -4.78
CA VAL A 116 -18.80 8.54 -5.68
C VAL A 116 -18.92 10.02 -5.48
N LYS A 117 -20.15 10.55 -5.52
CA LYS A 117 -20.36 11.98 -5.32
C LYS A 117 -19.94 12.41 -3.89
N GLY A 118 -20.15 11.53 -2.91
CA GLY A 118 -19.79 11.84 -1.55
C GLY A 118 -18.31 11.96 -1.36
N TYR A 119 -17.53 11.25 -2.18
CA TYR A 119 -16.10 11.31 -2.15
C TYR A 119 -15.56 12.60 -2.81
N ILE A 120 -16.16 12.96 -3.93
CA ILE A 120 -15.85 14.18 -4.66
C ILE A 120 -16.14 15.40 -3.78
N HIS A 121 -17.32 15.39 -3.16
CA HIS A 121 -17.71 16.50 -2.28
C HIS A 121 -16.78 16.61 -1.07
N ALA A 122 -16.37 15.47 -0.49
CA ALA A 122 -15.42 15.50 0.63
C ALA A 122 -14.12 16.20 0.26
N VAL A 123 -13.60 15.87 -0.92
CA VAL A 123 -12.34 16.41 -1.40
C VAL A 123 -12.48 17.89 -1.73
N LYS A 124 -13.51 18.20 -2.50
CA LYS A 124 -13.86 19.59 -2.78
C LYS A 124 -13.87 20.44 -1.50
N ALA A 125 -14.57 19.96 -0.49
CA ALA A 125 -14.78 20.75 0.74
C ALA A 125 -13.47 20.94 1.50
N CYS A 126 -12.61 19.93 1.45
CA CYS A 126 -11.41 19.93 2.24
C CYS A 126 -10.20 20.48 1.50
N LEU A 127 -10.40 20.89 0.25
CA LEU A 127 -9.28 21.17 -0.63
C LEU A 127 -8.39 22.33 -0.14
N PRO A 128 -9.01 23.46 0.30
CA PRO A 128 -8.22 24.52 0.94
C PRO A 128 -7.39 24.09 2.17
N ALA A 129 -7.95 23.23 3.02
CA ALA A 129 -7.21 22.73 4.20
C ALA A 129 -6.05 21.81 3.81
N LEU A 130 -6.31 20.98 2.82
CA LEU A 130 -5.32 20.00 2.36
C LEU A 130 -4.16 20.68 1.64
N VAL A 131 -4.45 21.59 0.72
CA VAL A 131 -3.39 22.38 0.11
C VAL A 131 -2.62 23.10 1.22
N SER A 132 -3.32 23.72 2.16
CA SER A 132 -2.65 24.43 3.28
C SER A 132 -1.71 23.52 4.09
N SER A 133 -2.15 22.30 4.40
CA SER A 133 -1.36 21.42 5.26
C SER A 133 -0.37 20.54 4.47
N ARG A 134 -0.41 20.65 3.16
CA ARG A 134 0.33 19.73 2.25
C ARG A 134 -0.03 18.29 2.60
N GLY A 135 -1.33 18.07 2.73
CA GLY A 135 -1.86 16.85 3.22
C GLY A 135 -2.14 15.75 2.21
N SER A 136 -3.02 14.84 2.61
CA SER A 136 -3.40 13.76 1.71
C SER A 136 -4.83 13.32 1.92
N VAL A 137 -5.30 12.60 0.89
CA VAL A 137 -6.60 12.00 0.79
C VAL A 137 -6.38 10.54 0.73
N VAL A 138 -7.06 9.78 1.57
CA VAL A 138 -7.05 8.33 1.38
C VAL A 138 -8.46 7.76 1.32
N PHE A 139 -8.86 7.42 0.09
CA PHE A 139 -10.15 6.85 -0.24
C PHE A 139 -10.34 5.39 0.21
N THR A 140 -11.47 5.08 0.81
CA THR A 140 -11.84 3.69 1.02
C THR A 140 -12.50 3.17 -0.27
N ILE A 141 -11.80 2.25 -0.91
CA ILE A 141 -12.34 1.58 -2.09
C ILE A 141 -12.96 0.26 -1.62
N SER A 142 -12.49 -0.86 -2.13
CA SER A 142 -13.06 -2.18 -1.90
C SER A 142 -12.45 -3.13 -2.96
N ASN A 143 -12.45 -4.43 -2.69
CA ASN A 143 -12.16 -5.40 -3.73
C ASN A 143 -13.07 -5.32 -4.97
N ALA A 144 -14.24 -4.70 -4.81
CA ALA A 144 -15.20 -4.43 -5.90
C ALA A 144 -14.73 -3.31 -6.81
N GLY A 145 -13.64 -2.64 -6.42
CA GLY A 145 -13.00 -1.71 -7.29
C GLY A 145 -12.06 -2.38 -8.28
N PHE A 146 -11.81 -3.69 -8.15
CA PHE A 146 -10.78 -4.42 -8.94
C PHE A 146 -11.27 -5.69 -9.61
N TYR A 147 -12.18 -6.40 -8.93
CA TYR A 147 -12.67 -7.70 -9.35
C TYR A 147 -14.20 -7.75 -9.21
N PRO A 148 -14.85 -8.66 -9.96
CA PRO A 148 -16.29 -8.72 -9.79
C PRO A 148 -16.73 -9.62 -8.60
N ASN A 149 -18.03 -9.66 -8.40
CA ASN A 149 -18.67 -10.56 -7.45
C ASN A 149 -18.43 -10.06 -6.04
N GLY A 150 -17.97 -8.82 -5.88
CA GLY A 150 -17.97 -8.18 -4.57
C GLY A 150 -19.15 -7.25 -4.42
N GLY A 151 -19.96 -7.20 -5.47
CA GLY A 151 -21.11 -6.32 -5.53
C GLY A 151 -21.72 -6.56 -6.89
N GLY A 152 -22.94 -6.08 -7.09
CA GLY A 152 -23.60 -6.14 -8.39
C GLY A 152 -23.00 -5.06 -9.26
N PRO A 153 -23.58 -4.80 -10.44
CA PRO A 153 -23.09 -3.74 -11.35
C PRO A 153 -22.94 -2.37 -10.74
N LEU A 154 -23.91 -1.97 -9.91
CA LEU A 154 -23.93 -0.63 -9.34
C LEU A 154 -22.75 -0.38 -8.41
N TYR A 155 -22.61 -1.28 -7.44
CA TYR A 155 -21.58 -1.16 -6.44
C TYR A 155 -20.22 -1.34 -7.06
N THR A 156 -20.11 -2.32 -7.96
CA THR A 156 -18.81 -2.60 -8.58
C THR A 156 -18.41 -1.38 -9.42
N ALA A 157 -19.39 -0.79 -10.15
CA ALA A 157 -19.15 0.43 -10.92
C ALA A 157 -18.76 1.65 -10.06
N THR A 158 -19.41 1.84 -8.90
CA THR A 158 -19.05 2.92 -8.01
C THR A 158 -17.60 2.76 -7.46
N LYS A 159 -17.22 1.55 -7.11
CA LYS A 159 -15.88 1.32 -6.55
C LYS A 159 -14.75 1.34 -7.60
N HIS A 160 -15.05 0.92 -8.82
CA HIS A 160 -14.16 1.23 -9.94
C HIS A 160 -14.09 2.73 -10.20
N ALA A 161 -15.21 3.45 -10.09
CA ALA A 161 -15.20 4.92 -10.22
C ALA A 161 -14.25 5.58 -9.23
N VAL A 162 -14.19 5.03 -8.03
CA VAL A 162 -13.34 5.55 -6.97
C VAL A 162 -11.87 5.34 -7.32
N VAL A 163 -11.55 4.24 -7.99
CA VAL A 163 -10.18 4.05 -8.47
C VAL A 163 -9.83 5.22 -9.42
N GLY A 164 -10.76 5.60 -10.29
CA GLY A 164 -10.59 6.73 -11.16
C GLY A 164 -10.39 8.05 -10.43
N LEU A 165 -11.07 8.19 -9.31
CA LEU A 165 -10.86 9.35 -8.47
C LEU A 165 -9.46 9.36 -7.87
N VAL A 166 -9.00 8.21 -7.38
CA VAL A 166 -7.59 8.12 -6.94
C VAL A 166 -6.67 8.67 -8.01
N ARG A 167 -6.80 8.15 -9.22
CA ARG A 167 -5.86 8.53 -10.28
C ARG A 167 -5.96 9.98 -10.70
N GLN A 168 -7.20 10.41 -11.00
CA GLN A 168 -7.38 11.77 -11.47
C GLN A 168 -7.03 12.77 -10.39
N MET A 169 -7.41 12.49 -9.15
CA MET A 169 -7.14 13.48 -8.11
C MET A 169 -5.68 13.50 -7.70
N ALA A 170 -4.96 12.38 -7.83
CA ALA A 170 -3.54 12.37 -7.51
C ALA A 170 -2.85 13.30 -8.49
N PHE A 171 -3.30 13.21 -9.74
CA PHE A 171 -2.83 14.11 -10.78
C PHE A 171 -3.19 15.57 -10.50
N GLU A 172 -4.47 15.86 -10.37
CA GLU A 172 -4.95 17.25 -10.24
C GLU A 172 -4.40 17.96 -9.01
N LEU A 173 -4.29 17.23 -7.89
CA LEU A 173 -3.92 17.86 -6.63
C LEU A 173 -2.44 17.89 -6.41
N ALA A 174 -1.70 17.22 -7.28
CA ALA A 174 -0.26 17.24 -7.27
C ALA A 174 0.17 18.65 -7.67
N PRO A 175 1.29 19.15 -7.09
CA PRO A 175 2.19 18.47 -6.13
C PRO A 175 1.91 18.69 -4.64
N HIS A 176 0.78 19.31 -4.30
CA HIS A 176 0.57 19.78 -2.93
C HIS A 176 -0.16 18.76 -2.06
N VAL A 177 -1.06 17.98 -2.65
CA VAL A 177 -1.87 17.03 -1.91
C VAL A 177 -1.69 15.64 -2.52
N ARG A 178 -1.35 14.67 -1.68
CA ARG A 178 -1.21 13.29 -2.13
C ARG A 178 -2.58 12.59 -2.05
N VAL A 179 -2.85 11.68 -2.98
CA VAL A 179 -4.12 10.98 -3.08
C VAL A 179 -3.88 9.49 -3.34
N ASN A 180 -4.33 8.65 -2.40
CA ASN A 180 -4.15 7.22 -2.46
C ASN A 180 -5.43 6.46 -2.11
N GLY A 181 -5.41 5.15 -2.37
CA GLY A 181 -6.57 4.27 -2.15
C GLY A 181 -6.20 3.04 -1.34
N VAL A 182 -7.05 2.73 -0.35
CA VAL A 182 -7.01 1.46 0.31
C VAL A 182 -8.24 0.68 -0.12
N ALA A 183 -8.03 -0.56 -0.59
CA ALA A 183 -9.11 -1.43 -1.03
C ALA A 183 -9.22 -2.69 -0.14
N PRO A 184 -9.95 -2.56 0.98
CA PRO A 184 -10.14 -3.67 1.89
C PRO A 184 -11.12 -4.70 1.31
N GLY A 185 -11.08 -5.92 1.83
CA GLY A 185 -11.90 -7.02 1.35
C GLY A 185 -12.59 -7.91 2.36
N GLY A 186 -13.80 -7.51 2.73
CA GLY A 186 -14.63 -8.31 3.65
C GLY A 186 -14.47 -7.84 5.08
N MET A 187 -15.50 -7.16 5.57
CA MET A 187 -15.48 -6.53 6.91
C MET A 187 -16.86 -6.63 7.63
N ASN A 188 -16.87 -7.20 8.83
CA ASN A 188 -18.08 -7.31 9.61
C ASN A 188 -18.47 -5.93 10.18
N THR A 189 -19.14 -5.15 9.34
CA THR A 189 -19.56 -3.78 9.67
C THR A 189 -21.09 -3.72 9.75
N ASP A 190 -21.67 -2.51 9.67
CA ASP A 190 -23.12 -2.31 9.64
C ASP A 190 -23.58 -1.82 8.25
N LEU A 191 -22.85 -2.21 7.21
CA LEU A 191 -23.04 -1.69 5.84
C LEU A 191 -24.46 -1.90 5.28
N ARG A 192 -25.05 -0.83 4.75
CA ARG A 192 -26.45 -0.84 4.31
C ARG A 192 -26.54 -0.91 2.81
N GLY A 193 -27.75 -1.18 2.33
CA GLY A 193 -28.09 -1.08 0.91
C GLY A 193 -29.17 -0.04 0.66
N PRO A 194 -29.52 0.20 -0.61
CA PRO A 194 -30.46 1.28 -0.93
C PRO A 194 -31.91 0.96 -0.55
N SER A 195 -32.63 1.95 -0.03
CA SER A 195 -34.04 1.77 0.32
C SER A 195 -34.85 1.37 -0.93
N SER A 196 -34.42 1.89 -2.08
CA SER A 196 -34.97 1.54 -3.39
C SER A 196 -35.07 0.02 -3.66
N LEU A 197 -34.09 -0.73 -3.15
CA LEU A 197 -34.06 -2.20 -3.28
C LEU A 197 -34.51 -2.89 -1.99
N GLY A 198 -35.05 -2.10 -1.07
CA GLY A 198 -35.53 -2.60 0.23
C GLY A 198 -34.42 -3.12 1.12
N LEU A 199 -33.26 -2.47 1.07
CA LEU A 199 -32.07 -2.93 1.82
C LEU A 199 -31.51 -1.88 2.79
N SER A 200 -32.21 -0.76 2.97
CA SER A 200 -31.68 0.32 3.81
C SER A 200 -31.69 -0.02 5.29
N GLU A 201 -32.49 -1.01 5.69
CA GLU A 201 -32.50 -1.54 7.07
C GLU A 201 -31.84 -2.92 7.15
N GLN A 202 -30.92 -3.18 6.22
CA GLN A 202 -30.21 -4.46 6.16
C GLN A 202 -28.72 -4.21 6.31
N SER A 203 -28.12 -4.76 7.37
CA SER A 203 -26.69 -4.62 7.63
C SER A 203 -25.91 -5.85 7.22
N ILE A 204 -24.66 -5.63 6.85
CA ILE A 204 -23.78 -6.69 6.35
C ILE A 204 -23.36 -7.69 7.46
N SER A 205 -23.33 -7.23 8.71
CA SER A 205 -23.09 -8.14 9.85
C SER A 205 -24.14 -9.26 9.88
N SER A 206 -25.32 -8.99 9.33
CA SER A 206 -26.41 -9.97 9.19
C SER A 206 -26.15 -11.05 8.11
N VAL A 207 -25.15 -10.82 7.24
CA VAL A 207 -24.72 -11.78 6.24
C VAL A 207 -23.52 -12.64 6.77
N PRO A 208 -23.49 -13.95 6.44
CA PRO A 208 -22.35 -14.83 6.79
C PRO A 208 -21.06 -14.57 6.00
N LEU A 209 -20.67 -13.30 5.92
CA LEU A 209 -19.55 -12.86 5.08
C LEU A 209 -18.30 -13.70 5.37
N ALA A 210 -17.94 -13.79 6.65
CA ALA A 210 -16.75 -14.52 7.11
C ALA A 210 -16.67 -15.97 6.60
N ASP A 211 -17.79 -16.69 6.68
CA ASP A 211 -17.87 -18.11 6.29
C ASP A 211 -17.88 -18.36 4.77
N MET A 212 -18.52 -17.46 4.01
CA MET A 212 -18.47 -17.50 2.52
C MET A 212 -17.01 -17.31 2.08
N LEU A 213 -16.31 -16.39 2.73
CA LEU A 213 -14.91 -16.07 2.38
C LEU A 213 -13.84 -17.09 2.85
N LYS A 214 -14.24 -18.07 3.66
CA LYS A 214 -13.25 -18.98 4.30
C LYS A 214 -12.34 -19.68 3.27
N SER A 215 -12.95 -20.14 2.17
CA SER A 215 -12.25 -20.86 1.11
C SER A 215 -12.06 -20.01 -0.15
N VAL A 216 -12.22 -18.69 -0.02
CA VAL A 216 -11.99 -17.72 -1.09
C VAL A 216 -10.72 -16.89 -0.86
N LEU A 217 -10.41 -16.59 0.41
CA LEU A 217 -9.24 -15.80 0.79
C LEU A 217 -8.01 -16.68 0.89
N PRO A 218 -6.95 -16.35 0.16
CA PRO A 218 -5.71 -17.10 0.41
C PRO A 218 -5.23 -17.07 1.89
N ILE A 219 -5.42 -15.96 2.61
CA ILE A 219 -5.00 -15.89 4.01
C ILE A 219 -5.85 -16.79 4.95
N GLY A 220 -6.98 -17.28 4.47
CA GLY A 220 -7.77 -18.27 5.20
C GLY A 220 -8.89 -17.71 6.07
N ARG A 221 -8.70 -16.53 6.63
CA ARG A 221 -9.70 -15.95 7.52
C ARG A 221 -10.00 -14.52 7.14
N MET A 222 -11.24 -14.10 7.39
CA MET A 222 -11.62 -12.72 7.21
C MET A 222 -11.11 -11.96 8.45
N PRO A 223 -10.21 -10.96 8.25
CA PRO A 223 -9.66 -10.17 9.35
C PRO A 223 -10.73 -9.37 10.10
N ALA A 224 -10.49 -9.12 11.38
CA ALA A 224 -11.28 -8.20 12.16
C ALA A 224 -11.09 -6.76 11.66
N LEU A 225 -12.03 -5.89 11.99
CA LEU A 225 -12.02 -4.49 11.58
C LEU A 225 -10.76 -3.70 12.01
N GLU A 226 -10.27 -3.98 13.21
CA GLU A 226 -9.05 -3.36 13.76
C GLU A 226 -7.86 -3.66 12.83
N GLU A 227 -7.84 -4.86 12.26
CA GLU A 227 -6.75 -5.31 11.41
C GLU A 227 -6.71 -4.61 10.07
N TYR A 228 -7.79 -3.91 9.72
CA TYR A 228 -7.79 -3.09 8.49
C TYR A 228 -7.38 -1.63 8.67
N THR A 229 -7.05 -1.20 9.89
CA THR A 229 -6.85 0.22 10.13
C THR A 229 -5.42 0.65 9.84
N GLY A 230 -4.49 -0.30 9.93
CA GLY A 230 -3.05 -0.07 9.71
C GLY A 230 -2.63 0.60 8.41
N ALA A 231 -3.21 0.18 7.30
CA ALA A 231 -2.91 0.76 5.99
C ALA A 231 -3.20 2.26 5.98
N TYR A 232 -4.31 2.65 6.62
CA TYR A 232 -4.70 4.04 6.74
C TYR A 232 -3.70 4.84 7.63
N VAL A 233 -3.38 4.30 8.80
CA VAL A 233 -2.29 4.82 9.66
C VAL A 233 -1.04 5.08 8.83
N PHE A 234 -0.64 4.07 8.05
CA PHE A 234 0.50 4.21 7.19
C PHE A 234 0.35 5.43 6.26
N PHE A 235 -0.72 5.50 5.49
CA PHE A 235 -0.87 6.64 4.58
C PHE A 235 -0.97 7.98 5.31
N ALA A 236 -1.47 7.97 6.54
CA ALA A 236 -1.60 9.16 7.33
C ALA A 236 -0.31 9.56 8.06
N THR A 237 0.70 8.69 8.07
CA THR A 237 1.99 9.04 8.64
C THR A 237 2.77 9.76 7.53
N ARG A 238 3.03 11.04 7.74
CA ARG A 238 3.60 11.90 6.69
C ARG A 238 5.00 11.39 6.28
N GLY A 239 5.86 11.25 7.30
CA GLY A 239 7.19 10.71 7.12
C GLY A 239 7.34 9.31 6.55
N ASP A 240 6.26 8.53 6.52
CA ASP A 240 6.29 7.18 5.98
C ASP A 240 5.79 7.03 4.56
N SER A 241 4.94 7.94 4.09
CA SER A 241 4.25 7.77 2.80
C SER A 241 4.49 8.92 1.80
N LEU A 242 5.50 9.73 2.02
CA LEU A 242 5.71 10.90 1.19
C LEU A 242 5.79 10.60 -0.30
N PRO A 243 6.54 9.54 -0.69
CA PRO A 243 6.59 9.16 -2.10
C PRO A 243 5.26 8.62 -2.71
N ALA A 244 4.25 8.40 -1.88
CA ALA A 244 3.03 7.75 -2.34
C ALA A 244 2.02 8.74 -2.85
N THR A 245 1.70 8.62 -4.13
CA THR A 245 0.52 9.27 -4.71
C THR A 245 0.08 8.43 -5.93
N GLY A 246 -1.23 8.26 -6.08
CA GLY A 246 -1.78 7.37 -7.10
C GLY A 246 -1.72 5.92 -6.68
N ALA A 247 -1.32 5.65 -5.43
CA ALA A 247 -1.12 4.28 -4.95
C ALA A 247 -2.45 3.62 -4.67
N LEU A 248 -2.53 2.35 -5.01
CA LEU A 248 -3.73 1.54 -4.74
C LEU A 248 -3.28 0.33 -3.94
N LEU A 249 -3.68 0.22 -2.69
CA LEU A 249 -3.34 -0.93 -1.89
C LEU A 249 -4.50 -1.93 -1.78
N ASN A 250 -4.36 -3.06 -2.47
CA ASN A 250 -5.29 -4.16 -2.35
C ASN A 250 -4.99 -4.83 -1.03
N TYR A 251 -6.02 -4.82 -0.18
CA TYR A 251 -5.89 -5.08 1.27
C TYR A 251 -7.04 -6.02 1.63
N ASP A 252 -7.14 -7.15 0.95
CA ASP A 252 -8.41 -7.93 0.96
C ASP A 252 -8.22 -9.44 1.27
N GLY A 253 -7.05 -9.82 1.76
CA GLY A 253 -6.80 -11.20 2.12
C GLY A 253 -6.23 -12.04 0.99
N GLY A 254 -5.92 -11.40 -0.14
CA GLY A 254 -5.39 -12.07 -1.32
C GLY A 254 -6.40 -12.36 -2.41
N MET A 255 -7.51 -11.63 -2.50
CA MET A 255 -8.55 -11.99 -3.47
C MET A 255 -8.08 -11.99 -4.93
N GLY A 256 -7.13 -11.13 -5.25
CA GLY A 256 -6.60 -11.05 -6.58
C GLY A 256 -5.51 -12.07 -6.90
N VAL A 257 -5.05 -12.83 -5.90
CA VAL A 257 -3.98 -13.82 -6.09
C VAL A 257 -4.42 -15.23 -5.63
N ARG A 258 -5.72 -15.44 -5.63
CA ARG A 258 -6.23 -16.77 -5.28
C ARG A 258 -6.09 -17.72 -6.48
N GLY A 259 -6.00 -18.99 -6.18
CA GLY A 259 -5.78 -20.03 -7.16
C GLY A 259 -7.07 -20.45 -7.83
N PHE A 260 -6.92 -21.31 -8.81
CA PHE A 260 -8.03 -21.79 -9.61
C PHE A 260 -8.89 -22.81 -8.87
N LEU A 261 -8.25 -23.81 -8.30
CA LEU A 261 -9.02 -24.88 -7.65
C LEU A 261 -9.07 -24.70 -6.14
N THR A 262 -8.10 -23.98 -5.57
CA THR A 262 -8.16 -23.58 -4.16
C THR A 262 -7.65 -22.13 -4.04
N ALA A 263 -8.03 -21.48 -2.94
CA ALA A 263 -7.61 -20.12 -2.67
C ALA A 263 -6.07 -20.03 -2.49
N ALA A 264 -5.51 -20.97 -1.72
CA ALA A 264 -4.11 -20.90 -1.31
C ALA A 264 -3.37 -22.11 -1.87
N GLY A 265 -2.07 -21.96 -2.03
CA GLY A 265 -1.23 -23.02 -2.58
C GLY A 265 -0.35 -23.71 -1.57
N GLY A 266 -0.32 -23.19 -0.34
CA GLY A 266 0.67 -23.62 0.66
C GLY A 266 0.11 -24.16 1.97
N ALA A 267 -0.99 -24.92 1.89
CA ALA A 267 -1.59 -25.53 3.08
C ALA A 267 -0.60 -26.49 3.73
N ASP A 268 0.09 -27.23 2.86
CA ASP A 268 0.98 -28.32 3.23
C ASP A 268 2.42 -27.93 3.56
N LEU A 269 2.80 -26.67 3.34
CA LEU A 269 4.16 -26.19 3.63
C LEU A 269 4.75 -26.60 5.01
N PRO A 270 4.03 -26.34 6.12
CA PRO A 270 4.56 -26.72 7.45
C PRO A 270 5.12 -28.14 7.53
N GLU A 271 4.32 -29.11 7.11
CA GLU A 271 4.74 -30.52 7.13
C GLU A 271 5.73 -30.83 6.00
N LYS A 272 5.52 -30.18 4.86
CA LYS A 272 6.39 -30.35 3.70
C LYS A 272 7.83 -29.92 4.05
N LEU A 273 7.97 -28.85 4.83
CA LEU A 273 9.29 -28.29 5.15
C LEU A 273 9.87 -28.80 6.47
N ASN A 274 9.15 -29.68 7.16
CA ASN A 274 9.54 -30.20 8.50
C ASN A 274 9.70 -29.08 9.53
N ILE A 275 8.62 -28.32 9.74
CA ILE A 275 8.50 -27.28 10.79
C ILE A 275 8.93 -25.91 10.24
N MET B 1 8.79 2.69 18.53
CA MET B 1 9.38 1.55 17.76
C MET B 1 8.35 0.45 17.45
N LYS B 2 8.06 0.23 16.18
CA LYS B 2 6.98 -0.69 15.76
C LYS B 2 7.41 -2.13 15.42
N LEU B 3 8.71 -2.38 15.37
CA LEU B 3 9.20 -3.69 14.96
C LEU B 3 10.02 -4.38 16.06
N THR B 4 9.75 -4.01 17.32
CA THR B 4 10.44 -4.59 18.48
C THR B 4 10.33 -6.12 18.51
N GLY B 5 11.48 -6.79 18.51
CA GLY B 5 11.53 -8.24 18.59
C GLY B 5 11.51 -8.97 17.26
N GLU B 6 11.19 -8.26 16.18
CA GLU B 6 11.12 -8.85 14.85
C GLU B 6 12.51 -8.97 14.23
N VAL B 7 12.67 -9.95 13.34
CA VAL B 7 13.93 -10.16 12.60
C VAL B 7 13.70 -10.01 11.09
N ALA B 8 14.53 -9.17 10.46
CA ALA B 8 14.47 -9.02 9.00
C ALA B 8 15.73 -9.57 8.34
N LEU B 9 15.56 -10.14 7.16
CA LEU B 9 16.68 -10.47 6.29
C LEU B 9 16.54 -9.66 5.01
N ILE B 10 17.53 -8.82 4.72
CA ILE B 10 17.49 -7.90 3.57
C ILE B 10 18.65 -8.20 2.65
N THR B 11 18.35 -8.48 1.36
CA THR B 11 19.42 -8.67 0.37
C THR B 11 19.67 -7.31 -0.30
N GLY B 12 20.94 -7.02 -0.59
CA GLY B 12 21.31 -5.73 -1.18
C GLY B 12 21.29 -4.60 -0.15
N GLY B 13 21.51 -4.97 1.10
CA GLY B 13 21.29 -4.06 2.23
C GLY B 13 22.49 -3.24 2.64
N ALA B 14 23.64 -3.48 2.01
CA ALA B 14 24.83 -2.70 2.34
C ALA B 14 24.87 -1.31 1.71
N SER B 15 23.94 -0.99 0.82
CA SER B 15 23.92 0.35 0.21
C SER B 15 22.55 0.74 -0.38
N GLY B 16 22.41 2.00 -0.72
CA GLY B 16 21.18 2.54 -1.28
C GLY B 16 19.97 2.31 -0.36
N LEU B 17 18.84 1.99 -1.00
CA LEU B 17 17.57 1.72 -0.31
C LEU B 17 17.70 0.62 0.70
N GLY B 18 18.38 -0.46 0.32
CA GLY B 18 18.63 -1.55 1.22
C GLY B 18 19.33 -1.09 2.51
N ARG B 19 20.32 -0.21 2.39
CA ARG B 19 20.98 0.34 3.57
C ARG B 19 20.04 1.28 4.37
N ALA B 20 19.29 2.12 3.69
CA ALA B 20 18.23 2.89 4.33
C ALA B 20 17.28 1.96 5.11
N LEU B 21 16.91 0.82 4.51
CA LEU B 21 16.02 -0.14 5.15
C LEU B 21 16.60 -0.78 6.42
N VAL B 22 17.83 -1.31 6.33
CA VAL B 22 18.57 -1.77 7.49
C VAL B 22 18.51 -0.78 8.63
N ASP B 23 18.87 0.47 8.33
CA ASP B 23 18.93 1.52 9.35
C ASP B 23 17.56 1.77 9.96
N ARG B 24 16.54 1.88 9.12
CA ARG B 24 15.19 2.12 9.59
C ARG B 24 14.67 0.95 10.42
N PHE B 25 14.92 -0.26 9.95
CA PHE B 25 14.43 -1.42 10.64
C PHE B 25 15.09 -1.55 11.99
N VAL B 26 16.39 -1.23 12.07
CA VAL B 26 17.11 -1.29 13.35
C VAL B 26 16.57 -0.22 14.28
N ALA B 27 16.31 0.97 13.77
CA ALA B 27 15.75 2.07 14.58
C ALA B 27 14.32 1.74 15.09
N GLU B 28 13.58 0.93 14.34
CA GLU B 28 12.26 0.44 14.79
C GLU B 28 12.34 -0.76 15.77
N GLY B 29 13.55 -1.14 16.19
CA GLY B 29 13.73 -2.23 17.17
C GLY B 29 13.81 -3.61 16.53
N ALA B 30 13.93 -3.68 15.20
CA ALA B 30 14.16 -4.97 14.55
C ALA B 30 15.66 -5.32 14.61
N ARG B 31 15.98 -6.59 14.42
CA ARG B 31 17.35 -7.05 14.27
C ARG B 31 17.45 -7.54 12.85
N VAL B 32 18.52 -7.18 12.16
CA VAL B 32 18.58 -7.41 10.72
C VAL B 32 19.82 -8.18 10.30
N ALA B 33 19.60 -9.20 9.48
CA ALA B 33 20.67 -9.87 8.71
C ALA B 33 20.66 -9.30 7.29
N VAL B 34 21.84 -9.19 6.69
CA VAL B 34 22.03 -8.54 5.40
C VAL B 34 22.94 -9.44 4.53
N LEU B 35 22.49 -9.76 3.33
CA LEU B 35 23.34 -10.44 2.36
C LEU B 35 23.68 -9.38 1.34
N ASP B 36 24.98 -9.20 1.10
CA ASP B 36 25.48 -8.25 0.11
C ASP B 36 26.86 -8.74 -0.32
N LYS B 37 27.27 -8.36 -1.52
CA LYS B 37 28.60 -8.68 -2.04
C LYS B 37 29.70 -7.78 -1.50
N SER B 38 29.34 -6.62 -0.97
CA SER B 38 30.33 -5.62 -0.58
C SER B 38 30.74 -5.77 0.89
N ALA B 39 31.86 -6.45 1.11
CA ALA B 39 32.40 -6.69 2.47
C ALA B 39 32.60 -5.42 3.30
N GLU B 40 33.18 -4.40 2.67
CA GLU B 40 33.49 -3.13 3.32
C GLU B 40 32.22 -2.46 3.88
N ARG B 41 31.19 -2.37 3.06
CA ARG B 41 29.92 -1.77 3.47
C ARG B 41 29.14 -2.63 4.47
N LEU B 42 29.23 -3.93 4.36
CA LEU B 42 28.68 -4.77 5.41
C LEU B 42 29.31 -4.49 6.78
N ARG B 43 30.65 -4.37 6.82
CA ARG B 43 31.37 -4.06 8.07
C ARG B 43 30.96 -2.70 8.63
N GLU B 44 30.90 -1.75 7.72
CA GLU B 44 30.42 -0.39 7.98
C GLU B 44 29.00 -0.37 8.60
N LEU B 45 28.08 -1.17 8.07
CA LEU B 45 26.76 -1.23 8.72
C LEU B 45 26.82 -1.99 10.04
N GLU B 46 27.70 -2.98 10.12
CA GLU B 46 27.89 -3.77 11.34
C GLU B 46 28.40 -2.96 12.53
N VAL B 47 29.36 -2.06 12.29
CA VAL B 47 29.84 -1.16 13.34
C VAL B 47 28.79 -0.10 13.69
N ALA B 48 28.07 0.39 12.68
CA ALA B 48 26.93 1.31 12.89
C ALA B 48 25.90 0.80 13.92
N HIS B 49 25.57 -0.48 13.85
CA HIS B 49 24.45 -1.02 14.60
C HIS B 49 24.76 -2.02 15.70
N GLY B 50 26.04 -2.32 15.91
CA GLY B 50 26.46 -3.31 16.90
C GLY B 50 25.78 -4.63 16.57
N GLY B 51 25.44 -5.37 17.62
CA GLY B 51 24.79 -6.67 17.45
C GLY B 51 23.37 -6.66 16.89
N ASN B 52 22.83 -5.49 16.53
CA ASN B 52 21.48 -5.38 15.95
C ASN B 52 21.47 -5.64 14.45
N ALA B 53 22.66 -5.65 13.84
CA ALA B 53 22.83 -6.08 12.45
C ALA B 53 23.97 -7.09 12.31
N VAL B 54 23.77 -8.09 11.45
CA VAL B 54 24.83 -9.03 11.06
C VAL B 54 24.94 -9.03 9.55
N GLY B 55 26.16 -8.98 9.05
CA GLY B 55 26.40 -8.96 7.62
C GLY B 55 26.90 -10.32 7.17
N VAL B 56 26.41 -10.78 6.03
CA VAL B 56 27.01 -11.93 5.39
C VAL B 56 27.39 -11.58 3.95
N VAL B 57 28.68 -11.73 3.66
CA VAL B 57 29.24 -11.46 2.34
C VAL B 57 28.87 -12.63 1.46
N GLY B 58 28.25 -12.33 0.32
CA GLY B 58 27.78 -13.34 -0.63
C GLY B 58 27.07 -12.72 -1.83
N ASP B 59 26.69 -13.58 -2.77
CA ASP B 59 26.08 -13.19 -4.06
C ASP B 59 24.63 -13.67 -4.09
N VAL B 60 23.70 -12.77 -4.40
CA VAL B 60 22.28 -13.13 -4.39
C VAL B 60 21.95 -14.18 -5.45
N ARG B 61 22.79 -14.29 -6.49
CA ARG B 61 22.61 -15.30 -7.56
C ARG B 61 22.87 -16.71 -7.07
N SER B 62 23.57 -16.82 -5.93
CA SER B 62 23.95 -18.09 -5.35
C SER B 62 22.93 -18.55 -4.31
N LEU B 63 22.27 -19.68 -4.57
CA LEU B 63 21.38 -20.26 -3.58
C LEU B 63 22.11 -20.67 -2.31
N GLN B 64 23.36 -21.14 -2.45
CA GLN B 64 24.15 -21.47 -1.27
C GLN B 64 24.43 -20.29 -0.37
N ASP B 65 24.80 -19.15 -0.97
CA ASP B 65 24.98 -17.88 -0.25
C ASP B 65 23.71 -17.41 0.45
N GLN B 66 22.58 -17.61 -0.22
CA GLN B 66 21.27 -17.25 0.32
C GLN B 66 20.93 -18.16 1.50
N LYS B 67 21.30 -19.43 1.40
CA LYS B 67 21.12 -20.35 2.54
C LYS B 67 22.01 -19.97 3.71
N ARG B 68 23.22 -19.49 3.43
CA ARG B 68 24.18 -19.10 4.46
C ARG B 68 23.69 -17.86 5.22
N ALA B 69 23.12 -16.92 4.49
CA ALA B 69 22.45 -15.73 5.06
C ALA B 69 21.31 -16.15 6.00
N ALA B 70 20.45 -17.03 5.48
CA ALA B 70 19.34 -17.60 6.24
C ALA B 70 19.84 -18.26 7.51
N GLU B 71 20.86 -19.11 7.36
CA GLU B 71 21.43 -19.85 8.47
C GLU B 71 22.06 -18.88 9.48
N ARG B 72 22.82 -17.92 8.97
CA ARG B 72 23.44 -16.88 9.79
C ARG B 72 22.41 -16.08 10.58
N CYS B 73 21.33 -15.65 9.91
CA CYS B 73 20.25 -14.91 10.58
C CYS B 73 19.61 -15.73 11.71
N LEU B 74 19.35 -17.02 11.46
CA LEU B 74 18.81 -17.93 12.47
C LEU B 74 19.74 -18.13 13.68
N ALA B 75 21.02 -18.36 13.38
CA ALA B 75 22.05 -18.48 14.41
C ALA B 75 22.13 -17.21 15.27
N ALA B 76 22.17 -16.05 14.61
CA ALA B 76 22.27 -14.78 15.31
C ALA B 76 21.01 -14.47 16.10
N PHE B 77 19.85 -14.65 15.49
CA PHE B 77 18.62 -14.03 15.99
C PHE B 77 17.47 -14.97 16.27
N GLY B 78 17.59 -16.22 15.87
CA GLY B 78 16.64 -17.27 16.25
C GLY B 78 15.44 -17.43 15.34
N LYS B 79 15.26 -16.52 14.38
CA LYS B 79 14.07 -16.56 13.51
C LYS B 79 14.22 -15.56 12.39
N ILE B 80 13.32 -15.65 11.40
CA ILE B 80 13.22 -14.67 10.36
C ILE B 80 11.74 -14.38 10.17
N ASP B 81 11.35 -13.14 10.47
CA ASP B 81 9.96 -12.71 10.40
C ASP B 81 9.64 -12.10 9.06
N THR B 82 10.51 -11.21 8.57
CA THR B 82 10.32 -10.54 7.29
C THR B 82 11.56 -10.71 6.40
N LEU B 83 11.36 -11.18 5.16
CA LEU B 83 12.41 -11.24 4.15
C LEU B 83 12.17 -10.13 3.12
N ILE B 84 13.19 -9.30 2.93
CA ILE B 84 13.17 -8.27 1.89
C ILE B 84 14.21 -8.58 0.80
N PRO B 85 13.80 -9.31 -0.24
CA PRO B 85 14.69 -9.43 -1.39
C PRO B 85 14.67 -8.10 -2.16
N ASN B 86 15.84 -7.47 -2.21
CA ASN B 86 15.99 -6.09 -2.63
C ASN B 86 17.15 -5.84 -3.61
N ALA B 87 18.23 -6.62 -3.54
CA ALA B 87 19.33 -6.43 -4.47
C ALA B 87 18.85 -6.45 -5.91
N GLY B 88 19.28 -5.46 -6.67
CA GLY B 88 19.02 -5.43 -8.09
C GLY B 88 20.04 -4.57 -8.75
N ILE B 89 20.22 -4.79 -10.06
CA ILE B 89 21.12 -3.99 -10.90
C ILE B 89 20.28 -3.40 -12.03
N TRP B 90 20.71 -2.24 -12.52
CA TRP B 90 20.05 -1.53 -13.61
C TRP B 90 20.67 -1.91 -14.98
N ASP B 91 20.05 -1.48 -16.09
CA ASP B 91 20.62 -1.65 -17.45
C ASP B 91 20.97 -0.32 -18.13
N TYR B 92 21.00 0.73 -17.33
CA TYR B 92 21.33 2.08 -17.84
CA TYR B 92 21.16 2.15 -17.69
C TYR B 92 20.27 2.64 -18.81
N SER B 93 19.10 2.01 -18.90
CA SER B 93 18.09 2.31 -19.90
C SER B 93 18.60 2.06 -21.31
N THR B 94 19.47 1.05 -21.47
CA THR B 94 19.96 0.68 -22.79
C THR B 94 18.83 0.09 -23.61
N ALA B 95 18.48 0.77 -24.69
CA ALA B 95 17.48 0.31 -25.64
C ALA B 95 17.93 -0.97 -26.32
N LEU B 96 16.95 -1.81 -26.70
CA LEU B 96 17.21 -2.99 -27.53
C LEU B 96 18.09 -2.67 -28.72
N ALA B 97 17.71 -1.66 -29.50
CA ALA B 97 18.52 -1.24 -30.67
C ALA B 97 19.96 -0.99 -30.28
N ASP B 98 20.16 -0.54 -29.04
CA ASP B 98 21.50 -0.23 -28.53
C ASP B 98 22.22 -1.34 -27.76
N LEU B 99 21.57 -2.47 -27.50
CA LEU B 99 22.28 -3.61 -26.93
C LEU B 99 23.14 -4.30 -28.02
N PRO B 100 24.49 -4.27 -27.90
CA PRO B 100 25.33 -4.92 -28.91
C PRO B 100 25.08 -6.41 -29.01
N GLU B 101 25.03 -6.93 -30.23
CA GLU B 101 24.73 -8.35 -30.47
C GLU B 101 25.69 -9.28 -29.71
N ASP B 102 26.95 -8.87 -29.59
CA ASP B 102 27.94 -9.67 -28.89
C ASP B 102 27.91 -9.49 -27.35
N LYS B 103 26.99 -8.68 -26.85
CA LYS B 103 26.88 -8.40 -25.42
C LYS B 103 25.58 -8.87 -24.80
N ILE B 104 24.57 -9.08 -25.66
CA ILE B 104 23.18 -9.18 -25.22
C ILE B 104 22.86 -10.44 -24.36
N ASP B 105 23.39 -11.59 -24.73
CA ASP B 105 23.12 -12.84 -23.99
C ASP B 105 23.70 -12.81 -22.59
N ALA B 106 24.88 -12.22 -22.44
CA ALA B 106 25.55 -12.07 -21.14
C ALA B 106 24.84 -11.03 -20.27
N ALA B 107 24.47 -9.90 -20.86
CA ALA B 107 23.74 -8.88 -20.14
C ALA B 107 22.46 -9.48 -19.59
N PHE B 108 21.81 -10.31 -20.40
CA PHE B 108 20.53 -10.89 -20.05
C PHE B 108 20.65 -11.76 -18.81
N ASP B 109 21.66 -12.63 -18.84
CA ASP B 109 21.89 -13.56 -17.75
C ASP B 109 22.23 -12.79 -16.47
N ASP B 110 23.08 -11.75 -16.58
CA ASP B 110 23.51 -11.01 -15.41
C ASP B 110 22.37 -10.32 -14.69
N ILE B 111 21.52 -9.65 -15.46
CA ILE B 111 20.44 -8.84 -14.90
C ILE B 111 19.28 -9.74 -14.41
N PHE B 112 18.94 -10.80 -15.16
CA PHE B 112 17.95 -11.78 -14.69
C PHE B 112 18.38 -12.61 -13.48
N HIS B 113 19.62 -13.07 -13.47
CA HIS B 113 20.14 -13.82 -12.34
C HIS B 113 20.06 -13.02 -11.05
N VAL B 114 20.50 -11.77 -11.08
CA VAL B 114 20.45 -10.89 -9.90
C VAL B 114 19.02 -10.50 -9.56
N ASN B 115 18.36 -9.88 -10.53
CA ASN B 115 17.05 -9.26 -10.31
C ASN B 115 15.87 -10.21 -10.14
N VAL B 116 15.94 -11.38 -10.77
CA VAL B 116 14.82 -12.34 -10.67
C VAL B 116 15.21 -13.61 -9.91
N LYS B 117 16.28 -14.26 -10.35
CA LYS B 117 16.75 -15.47 -9.66
C LYS B 117 17.14 -15.23 -8.19
N GLY B 118 17.78 -14.10 -7.90
CA GLY B 118 18.21 -13.80 -6.52
C GLY B 118 17.07 -13.57 -5.56
N TYR B 119 15.96 -13.12 -6.10
CA TYR B 119 14.69 -13.04 -5.40
C TYR B 119 14.10 -14.44 -5.17
N ILE B 120 14.06 -15.26 -6.19
CA ILE B 120 13.61 -16.67 -6.06
C ILE B 120 14.47 -17.43 -5.03
N HIS B 121 15.80 -17.35 -5.13
CA HIS B 121 16.70 -17.97 -4.13
C HIS B 121 16.57 -17.49 -2.67
N ALA B 122 16.30 -16.18 -2.51
CA ALA B 122 16.10 -15.63 -1.18
C ALA B 122 14.89 -16.30 -0.54
N VAL B 123 13.78 -16.35 -1.27
CA VAL B 123 12.58 -16.94 -0.73
C VAL B 123 12.82 -18.41 -0.45
N LYS B 124 13.43 -19.11 -1.42
CA LYS B 124 13.71 -20.54 -1.29
C LYS B 124 14.55 -20.83 -0.04
N ALA B 125 15.66 -20.10 0.11
CA ALA B 125 16.54 -20.21 1.29
C ALA B 125 15.79 -19.94 2.62
N CYS B 126 14.94 -18.92 2.63
CA CYS B 126 14.25 -18.48 3.84
C CYS B 126 12.88 -19.13 4.09
N LEU B 127 12.46 -20.06 3.23
CA LEU B 127 11.11 -20.60 3.29
C LEU B 127 10.77 -21.37 4.58
N PRO B 128 11.65 -22.30 5.00
CA PRO B 128 11.41 -22.92 6.30
C PRO B 128 11.24 -21.92 7.47
N ALA B 129 12.16 -20.97 7.59
CA ALA B 129 12.08 -19.89 8.61
C ALA B 129 10.83 -19.01 8.50
N LEU B 130 10.42 -18.69 7.30
CA LEU B 130 9.26 -17.82 7.09
C LEU B 130 7.94 -18.50 7.40
N VAL B 131 7.82 -19.79 7.05
CA VAL B 131 6.64 -20.59 7.38
C VAL B 131 6.58 -20.83 8.91
N SER B 132 7.74 -21.12 9.50
CA SER B 132 7.82 -21.31 10.94
C SER B 132 7.32 -20.05 11.68
N SER B 133 7.67 -18.87 11.17
CA SER B 133 7.33 -17.60 11.83
C SER B 133 6.01 -17.00 11.35
N ARG B 134 5.32 -17.67 10.42
CA ARG B 134 4.14 -17.09 9.77
C ARG B 134 4.51 -15.69 9.27
N GLY B 135 5.62 -15.59 8.55
CA GLY B 135 6.25 -14.34 8.20
C GLY B 135 5.80 -13.71 6.92
N SER B 136 6.59 -12.76 6.44
CA SER B 136 6.30 -11.94 5.27
C SER B 136 7.47 -11.87 4.33
N VAL B 137 7.15 -11.75 3.04
CA VAL B 137 8.11 -11.37 2.03
C VAL B 137 7.72 -10.04 1.41
N VAL B 138 8.67 -9.12 1.32
CA VAL B 138 8.44 -7.85 0.64
C VAL B 138 9.54 -7.63 -0.40
N PHE B 139 9.15 -7.81 -1.68
CA PHE B 139 10.06 -7.68 -2.81
C PHE B 139 10.19 -6.20 -3.16
N THR B 140 11.42 -5.74 -3.38
CA THR B 140 11.62 -4.42 -3.98
C THR B 140 11.42 -4.54 -5.49
N ILE B 141 10.41 -3.84 -5.99
CA ILE B 141 10.15 -3.83 -7.43
C ILE B 141 10.72 -2.53 -7.98
N SER B 142 9.89 -1.72 -8.61
CA SER B 142 10.34 -0.46 -9.23
C SER B 142 9.19 0.01 -10.10
N ASN B 143 9.18 1.28 -10.44
CA ASN B 143 8.29 1.77 -11.50
C ASN B 143 8.40 1.00 -12.83
N ALA B 144 9.59 0.44 -13.08
CA ALA B 144 9.87 -0.33 -14.28
C ALA B 144 9.19 -1.71 -14.27
N GLY B 145 8.57 -2.07 -13.14
CA GLY B 145 7.72 -3.24 -13.04
C GLY B 145 6.30 -2.96 -13.55
N PHE B 146 6.05 -1.71 -13.94
CA PHE B 146 4.69 -1.24 -14.29
C PHE B 146 4.65 -0.39 -15.53
N TYR B 147 5.60 0.51 -15.71
CA TYR B 147 5.54 1.37 -16.87
C TYR B 147 6.88 1.36 -17.56
N PRO B 148 6.90 1.73 -18.85
CA PRO B 148 8.15 1.78 -19.57
C PRO B 148 8.98 3.03 -19.26
N ASN B 149 10.19 3.01 -19.81
CA ASN B 149 11.13 4.14 -19.77
C ASN B 149 11.74 4.34 -18.38
N GLY B 150 11.66 3.30 -17.53
CA GLY B 150 12.34 3.28 -16.24
C GLY B 150 13.61 2.43 -16.32
N GLY B 151 13.79 1.80 -17.47
CA GLY B 151 14.98 1.05 -17.80
C GLY B 151 14.77 0.53 -19.19
N GLY B 152 15.72 -0.22 -19.71
CA GLY B 152 15.61 -0.83 -21.00
C GLY B 152 14.76 -2.09 -20.96
N PRO B 153 14.67 -2.80 -22.10
CA PRO B 153 13.90 -4.01 -22.08
C PRO B 153 14.33 -5.02 -21.02
N LEU B 154 15.65 -5.15 -20.80
CA LEU B 154 16.18 -6.12 -19.83
C LEU B 154 15.74 -5.76 -18.41
N TYR B 155 15.94 -4.51 -17.98
CA TYR B 155 15.51 -4.13 -16.62
C TYR B 155 14.00 -4.12 -16.45
N THR B 156 13.30 -3.61 -17.45
CA THR B 156 11.84 -3.52 -17.35
C THR B 156 11.22 -4.92 -17.28
N ALA B 157 11.75 -5.86 -18.07
CA ALA B 157 11.28 -7.24 -18.02
C ALA B 157 11.57 -7.91 -16.67
N THR B 158 12.75 -7.60 -16.09
CA THR B 158 13.12 -8.22 -14.82
C THR B 158 12.15 -7.75 -13.72
N LYS B 159 11.78 -6.47 -13.74
CA LYS B 159 10.91 -5.90 -12.71
C LYS B 159 9.45 -6.29 -12.91
N HIS B 160 9.02 -6.45 -14.16
CA HIS B 160 7.73 -7.06 -14.42
C HIS B 160 7.71 -8.52 -13.93
N ALA B 161 8.83 -9.23 -14.11
CA ALA B 161 8.97 -10.59 -13.64
C ALA B 161 8.77 -10.66 -12.11
N VAL B 162 9.26 -9.67 -11.36
CA VAL B 162 9.04 -9.69 -9.91
C VAL B 162 7.62 -9.38 -9.48
N VAL B 163 6.88 -8.62 -10.26
CA VAL B 163 5.45 -8.53 -10.05
C VAL B 163 4.85 -9.94 -10.12
N GLY B 164 5.30 -10.74 -11.08
CA GLY B 164 4.91 -12.13 -11.20
C GLY B 164 5.31 -13.00 -10.01
N LEU B 165 6.47 -12.73 -9.43
CA LEU B 165 6.85 -13.41 -8.18
C LEU B 165 5.98 -13.00 -7.00
N VAL B 166 5.60 -11.73 -6.93
CA VAL B 166 4.61 -11.29 -5.93
C VAL B 166 3.34 -12.14 -6.02
N ARG B 167 2.79 -12.25 -7.22
CA ARG B 167 1.49 -12.87 -7.37
C ARG B 167 1.54 -14.39 -7.12
N GLN B 168 2.47 -15.07 -7.78
CA GLN B 168 2.64 -16.47 -7.63
C GLN B 168 3.02 -16.93 -6.21
N MET B 169 3.93 -16.22 -5.56
CA MET B 169 4.39 -16.63 -4.22
C MET B 169 3.36 -16.30 -3.15
N ALA B 170 2.64 -15.20 -3.35
CA ALA B 170 1.46 -14.91 -2.50
C ALA B 170 0.48 -16.08 -2.51
N PHE B 171 0.21 -16.63 -3.71
CA PHE B 171 -0.64 -17.82 -3.83
C PHE B 171 0.03 -19.04 -3.18
N GLU B 172 1.26 -19.35 -3.58
CA GLU B 172 1.94 -20.55 -3.14
C GLU B 172 2.25 -20.60 -1.65
N LEU B 173 2.56 -19.45 -1.07
CA LEU B 173 2.95 -19.40 0.33
C LEU B 173 1.80 -19.14 1.30
N ALA B 174 0.63 -18.77 0.77
CA ALA B 174 -0.58 -18.72 1.58
C ALA B 174 -0.95 -20.12 2.12
N PRO B 175 -1.62 -20.19 3.28
CA PRO B 175 -2.04 -19.05 4.06
C PRO B 175 -1.03 -18.53 5.09
N HIS B 176 0.20 -19.05 5.10
CA HIS B 176 1.12 -18.78 6.22
C HIS B 176 2.05 -17.60 6.01
N VAL B 177 2.53 -17.42 4.79
CA VAL B 177 3.48 -16.36 4.51
C VAL B 177 2.84 -15.39 3.57
N ARG B 178 2.97 -14.10 3.89
CA ARG B 178 2.34 -13.06 3.11
C ARG B 178 3.42 -12.50 2.23
N VAL B 179 3.02 -12.21 0.99
CA VAL B 179 3.94 -11.81 -0.04
C VAL B 179 3.40 -10.59 -0.72
N ASN B 180 4.18 -9.51 -0.70
CA ASN B 180 3.77 -8.26 -1.27
C ASN B 180 4.95 -7.56 -1.93
N GLY B 181 4.65 -6.54 -2.74
CA GLY B 181 5.70 -5.79 -3.45
C GLY B 181 5.60 -4.30 -3.20
N VAL B 182 6.76 -3.69 -2.97
CA VAL B 182 6.90 -2.23 -2.98
C VAL B 182 7.59 -1.85 -4.25
N ALA B 183 7.07 -0.84 -4.92
CA ALA B 183 7.56 -0.44 -6.22
C ALA B 183 8.09 1.01 -6.12
N PRO B 184 9.31 1.16 -5.62
CA PRO B 184 9.90 2.50 -5.45
C PRO B 184 10.22 3.14 -6.77
N GLY B 185 10.24 4.47 -6.79
CA GLY B 185 10.56 5.20 -7.99
C GLY B 185 11.19 6.59 -7.87
N GLY B 186 10.78 7.46 -6.97
CA GLY B 186 11.32 8.84 -7.11
C GLY B 186 12.83 9.03 -6.88
N MET B 187 13.62 7.95 -6.90
CA MET B 187 14.88 7.88 -6.18
C MET B 187 15.95 8.58 -6.99
N ASN B 188 17.19 8.44 -6.55
CA ASN B 188 18.32 9.06 -7.20
C ASN B 188 19.54 8.42 -6.55
N THR B 189 19.80 7.16 -6.89
CA THR B 189 20.97 6.46 -6.34
C THR B 189 21.73 5.67 -7.42
N ASP B 190 23.03 5.49 -7.18
CA ASP B 190 23.90 4.72 -8.07
C ASP B 190 23.43 3.27 -8.10
N LEU B 191 22.49 3.00 -9.02
CA LEU B 191 22.07 1.65 -9.31
C LEU B 191 22.98 1.11 -10.42
N ARG B 192 23.84 0.16 -10.06
CA ARG B 192 24.88 -0.35 -10.95
C ARG B 192 24.28 -1.21 -12.06
N GLY B 193 25.03 -1.36 -13.15
CA GLY B 193 24.63 -2.18 -14.31
C GLY B 193 25.69 -3.21 -14.68
N PRO B 194 25.40 -4.07 -15.68
CA PRO B 194 26.31 -5.19 -15.92
C PRO B 194 27.64 -4.81 -16.59
N SER B 195 28.66 -5.60 -16.30
CA SER B 195 29.99 -5.45 -16.89
C SER B 195 29.93 -5.51 -18.43
N SER B 196 29.02 -6.32 -18.95
CA SER B 196 28.80 -6.47 -20.40
C SER B 196 28.32 -5.17 -21.09
N LEU B 197 27.64 -4.30 -20.35
CA LEU B 197 27.17 -3.03 -20.88
C LEU B 197 28.19 -1.92 -20.56
N GLY B 198 27.90 -0.68 -20.96
CA GLY B 198 28.82 0.43 -20.77
C GLY B 198 30.09 0.24 -21.58
N SER B 206 21.70 8.55 -20.20
CA SER B 206 20.34 8.93 -19.83
C SER B 206 20.34 10.23 -19.03
N VAL B 207 19.16 10.84 -18.96
CA VAL B 207 18.96 12.16 -18.37
C VAL B 207 18.78 12.06 -16.85
N PRO B 208 19.56 12.83 -16.07
CA PRO B 208 19.29 12.89 -14.62
C PRO B 208 17.80 13.09 -14.32
N LEU B 209 17.33 12.48 -13.25
CA LEU B 209 15.94 12.66 -12.82
C LEU B 209 15.64 14.13 -12.59
N ALA B 210 16.58 14.82 -11.93
CA ALA B 210 16.46 16.27 -11.62
C ALA B 210 16.20 17.11 -12.87
N ASP B 211 16.90 16.77 -13.95
CA ASP B 211 16.75 17.45 -15.24
C ASP B 211 15.37 17.28 -15.88
N MET B 212 14.62 16.25 -15.49
CA MET B 212 13.36 15.95 -16.15
C MET B 212 12.19 15.83 -15.16
N LEU B 213 12.38 16.32 -13.93
CA LEU B 213 11.50 16.02 -12.79
C LEU B 213 10.02 16.30 -13.05
N LYS B 214 9.75 17.42 -13.72
CA LYS B 214 8.37 17.90 -13.94
C LYS B 214 7.68 17.15 -15.03
N SER B 215 8.44 16.32 -15.73
CA SER B 215 7.90 15.41 -16.73
C SER B 215 7.70 14.00 -16.12
N VAL B 216 8.19 13.78 -14.90
CA VAL B 216 8.27 12.47 -14.27
C VAL B 216 7.42 12.37 -13.00
N LEU B 217 7.64 13.27 -12.04
CA LEU B 217 7.05 13.12 -10.69
C LEU B 217 6.01 14.19 -10.36
N PRO B 218 4.71 13.80 -10.30
CA PRO B 218 3.69 14.72 -9.79
C PRO B 218 3.95 15.27 -8.39
N ILE B 219 4.57 14.50 -7.50
CA ILE B 219 4.95 15.01 -6.17
C ILE B 219 5.93 16.18 -6.22
N GLY B 220 6.56 16.41 -7.36
CA GLY B 220 7.31 17.65 -7.60
C GLY B 220 8.59 17.77 -6.78
N ARG B 221 9.03 16.65 -6.21
CA ARG B 221 10.26 16.64 -5.41
C ARG B 221 10.89 15.25 -5.49
N MET B 222 12.12 15.12 -4.99
CA MET B 222 12.87 13.87 -5.03
C MET B 222 13.08 13.44 -3.60
N PRO B 223 12.26 12.49 -3.13
CA PRO B 223 12.31 12.05 -1.75
C PRO B 223 13.70 11.55 -1.37
N ALA B 224 14.16 11.81 -0.16
CA ALA B 224 15.33 11.10 0.37
C ALA B 224 15.02 9.59 0.48
N LEU B 225 16.07 8.77 0.49
CA LEU B 225 15.95 7.30 0.54
C LEU B 225 15.22 6.84 1.80
N GLU B 226 15.44 7.58 2.88
CA GLU B 226 14.77 7.40 4.17
C GLU B 226 13.26 7.39 4.00
N GLU B 227 12.76 8.23 3.10
CA GLU B 227 11.30 8.34 2.85
C GLU B 227 10.66 7.13 2.14
N TYR B 228 11.47 6.19 1.63
CA TYR B 228 10.89 4.97 1.07
C TYR B 228 10.87 3.77 2.04
N THR B 229 11.31 3.95 3.27
CA THR B 229 11.41 2.80 4.18
C THR B 229 10.09 2.49 4.91
N GLY B 230 9.28 3.53 5.13
CA GLY B 230 7.94 3.38 5.70
C GLY B 230 7.08 2.25 5.12
N ALA B 231 7.01 2.13 3.80
CA ALA B 231 6.19 1.07 3.18
C ALA B 231 6.65 -0.32 3.62
N TYR B 232 7.95 -0.51 3.70
CA TYR B 232 8.50 -1.78 4.12
C TYR B 232 8.23 -2.09 5.62
N VAL B 233 8.38 -1.07 6.46
CA VAL B 233 8.03 -1.16 7.88
C VAL B 233 6.57 -1.64 8.02
N PHE B 234 5.68 -0.99 7.26
CA PHE B 234 4.26 -1.35 7.19
C PHE B 234 3.99 -2.82 6.90
N PHE B 235 4.55 -3.30 5.79
CA PHE B 235 4.48 -4.71 5.48
C PHE B 235 5.17 -5.60 6.55
N ALA B 236 6.20 -5.10 7.21
CA ALA B 236 6.86 -5.84 8.30
C ALA B 236 6.08 -5.84 9.61
N THR B 237 5.07 -4.96 9.71
CA THR B 237 4.30 -4.78 10.95
C THR B 237 3.07 -5.68 10.96
N ARG B 238 3.12 -6.74 11.77
CA ARG B 238 2.13 -7.80 11.70
C ARG B 238 0.74 -7.31 12.06
N GLY B 239 0.67 -6.41 13.05
CA GLY B 239 -0.59 -5.81 13.48
C GLY B 239 -1.25 -4.90 12.46
N ASP B 240 -0.51 -4.40 11.50
CA ASP B 240 -1.01 -3.43 10.54
C ASP B 240 -1.26 -3.94 9.14
N SER B 241 -0.55 -4.97 8.72
CA SER B 241 -0.62 -5.44 7.31
C SER B 241 -1.15 -6.89 7.14
N LEU B 242 -1.85 -7.41 8.15
CA LEU B 242 -2.29 -8.79 8.14
C LEU B 242 -3.17 -9.11 6.91
N PRO B 243 -4.11 -8.23 6.56
CA PRO B 243 -4.88 -8.48 5.32
C PRO B 243 -4.11 -8.52 4.01
N ALA B 244 -2.89 -7.99 3.98
CA ALA B 244 -2.26 -7.74 2.69
C ALA B 244 -1.50 -8.95 2.23
N THR B 245 -1.94 -9.51 1.10
CA THR B 245 -1.08 -10.44 0.35
C THR B 245 -1.38 -10.32 -1.14
N GLY B 246 -0.31 -10.39 -1.92
CA GLY B 246 -0.40 -10.12 -3.35
C GLY B 246 -0.46 -8.65 -3.68
N ALA B 247 -0.30 -7.77 -2.67
CA ALA B 247 -0.45 -6.32 -2.86
C ALA B 247 0.77 -5.76 -3.60
N LEU B 248 0.50 -4.70 -4.35
CA LEU B 248 1.51 -4.01 -5.13
C LEU B 248 1.40 -2.53 -4.82
N LEU B 249 2.38 -1.98 -4.09
CA LEU B 249 2.36 -0.58 -3.69
C LEU B 249 3.26 0.26 -4.56
N ASN B 250 2.65 1.00 -5.49
CA ASN B 250 3.40 1.93 -6.33
C ASN B 250 3.85 3.08 -5.46
N TYR B 251 5.18 3.24 -5.39
CA TYR B 251 5.81 4.07 -4.39
C TYR B 251 6.81 5.00 -5.07
N ASP B 252 6.32 5.76 -6.04
CA ASP B 252 7.18 6.34 -7.07
C ASP B 252 6.87 7.77 -7.42
N GLY B 253 6.21 8.46 -6.49
CA GLY B 253 5.97 9.86 -6.66
C GLY B 253 4.90 10.14 -7.68
N GLY B 254 4.08 9.13 -7.99
CA GLY B 254 2.96 9.32 -8.94
C GLY B 254 3.30 9.13 -10.41
N MET B 255 4.41 8.46 -10.72
CA MET B 255 4.74 8.24 -12.10
C MET B 255 3.62 7.72 -12.98
N GLY B 256 2.85 6.73 -12.49
CA GLY B 256 1.71 6.15 -13.19
C GLY B 256 0.47 7.03 -13.30
N VAL B 257 0.44 8.16 -12.56
CA VAL B 257 -0.74 9.05 -12.60
C VAL B 257 -0.31 10.47 -13.06
N ARG B 258 0.82 10.55 -13.75
CA ARG B 258 1.32 11.85 -14.25
C ARG B 258 0.55 12.39 -15.44
N GLY B 259 0.52 13.70 -15.59
CA GLY B 259 -0.16 14.35 -16.71
C GLY B 259 0.51 14.18 -18.05
N PHE B 260 -0.19 14.55 -19.11
CA PHE B 260 0.40 14.53 -20.46
C PHE B 260 1.40 15.66 -20.69
N LEU B 261 1.01 16.90 -20.43
CA LEU B 261 1.92 18.05 -20.65
C LEU B 261 2.90 18.29 -19.51
N THR B 262 2.47 18.06 -18.26
CA THR B 262 3.39 18.16 -17.11
C THR B 262 2.94 17.13 -16.14
N ALA B 263 3.84 16.69 -15.25
CA ALA B 263 3.56 15.60 -14.31
C ALA B 263 2.38 15.91 -13.40
N ALA B 264 2.42 17.07 -12.76
CA ALA B 264 1.39 17.54 -11.79
C ALA B 264 0.32 18.45 -12.41
N GLY B 265 -0.94 18.26 -12.05
CA GLY B 265 -2.03 19.07 -12.57
C GLY B 265 -2.45 20.26 -11.73
N GLY B 266 -1.74 20.50 -10.61
CA GLY B 266 -2.22 21.49 -9.64
C GLY B 266 -1.26 22.55 -9.14
N ALA B 267 -0.32 22.98 -9.98
CA ALA B 267 0.68 23.98 -9.55
C ALA B 267 0.04 25.25 -9.03
N ASP B 268 -1.05 25.63 -9.67
CA ASP B 268 -1.77 26.87 -9.37
C ASP B 268 -2.97 26.77 -8.39
N LEU B 269 -3.09 25.65 -7.68
CA LEU B 269 -4.14 25.50 -6.66
C LEU B 269 -4.05 26.51 -5.51
N PRO B 270 -2.84 26.74 -4.96
CA PRO B 270 -2.68 27.81 -3.95
C PRO B 270 -3.20 29.19 -4.35
N GLU B 271 -2.97 29.58 -5.62
CA GLU B 271 -3.52 30.84 -6.14
C GLU B 271 -5.03 30.73 -6.32
N LYS B 272 -5.49 29.63 -6.93
CA LYS B 272 -6.92 29.36 -7.14
C LYS B 272 -7.75 29.39 -5.84
N LEU B 273 -7.18 28.85 -4.76
CA LEU B 273 -7.89 28.74 -3.49
C LEU B 273 -7.52 29.85 -2.48
N ASN B 274 -6.63 30.76 -2.89
CA ASN B 274 -6.11 31.86 -2.05
C ASN B 274 -5.52 31.46 -0.70
N ILE B 275 -4.33 30.84 -0.73
CA ILE B 275 -3.63 30.47 0.51
C ILE B 275 -2.10 30.56 0.38
#